data_6PDJ
#
_entry.id   6PDJ
#
_cell.length_a   42.016
_cell.length_b   74.163
_cell.length_c   104.527
_cell.angle_alpha   90.000
_cell.angle_beta   90.000
_cell.angle_gamma   90.000
#
_symmetry.space_group_name_H-M   'P 21 21 21'
#
loop_
_entity.id
_entity.type
_entity.pdbx_description
1 polymer 'Tyrosine-protein kinase Lck'
2 non-polymer N-{4-[(6-methoxypyrazolo[1,5-a]pyridine-3-carbonyl)amino]-3-methylphenyl}-1-methyl-1H-indazole-3-carboxamide
3 non-polymer '3-CYCLOHEXYL-1-PROPYLSULFONIC ACID'
4 non-polymer 'SULFATE ION'
5 non-polymer 'NICKEL (II) ION'
6 water water
#
_entity_poly.entity_id   1
_entity_poly.type   'polypeptide(L)'
_entity_poly.pdbx_seq_one_letter_code
;GHMQTQKPQKPWWEDEWEVPRETLKLVERLGAGQFGEVWMGYYNGHTKVAVKSLKQGSMSPDAFLAEANLMKQLQHQRLV
RLYAVVTQEPIYIITEYMENGSLVDFLKTPSGIKLTINKLLDMAAQIAEGMAFIEERNYIHRDLRAANILVSDTLSCKIA
DFGLARLIEDNE(PTR)TAREGAKFPIKWTAPEAINYGTFTIKSDVWSFGILLTEIVTHGRIPYPGMTNPEVIQNLERGY
RMVRPDNCPEELYQLMRLCWKERPEDRPTFDYLRSVLEDFFTATEGQYQPQP
;
_entity_poly.pdbx_strand_id   A
#
# COMPACT_ATOMS: atom_id res chain seq x y z
N GLY A 1 32.12 6.56 -9.92
CA GLY A 1 32.68 5.74 -8.85
C GLY A 1 32.36 4.26 -8.95
N HIS A 2 32.04 3.77 -10.16
CA HIS A 2 31.71 2.36 -10.42
C HIS A 2 32.97 1.48 -10.49
N MET A 3 34.16 2.12 -10.50
CA MET A 3 35.45 1.43 -10.63
C MET A 3 36.15 1.16 -9.28
N GLN A 4 35.48 1.51 -8.17
CA GLN A 4 35.98 1.34 -6.80
C GLN A 4 35.06 0.39 -6.04
N LYS A 10 30.82 -5.40 6.27
CA LYS A 10 29.65 -5.25 7.13
C LYS A 10 29.59 -6.43 8.13
N PRO A 11 29.64 -6.18 9.47
CA PRO A 11 29.61 -7.31 10.42
C PRO A 11 28.37 -8.18 10.27
N TRP A 12 28.53 -9.52 10.34
CA TRP A 12 27.43 -10.50 10.20
C TRP A 12 26.32 -10.35 11.25
N TRP A 13 26.67 -9.92 12.48
CA TRP A 13 25.71 -9.80 13.58
C TRP A 13 24.82 -8.56 13.43
N GLU A 14 25.15 -7.68 12.48
CA GLU A 14 24.32 -6.52 12.16
C GLU A 14 23.60 -6.81 10.84
N ASP A 15 22.48 -6.13 10.57
CA ASP A 15 21.74 -6.34 9.32
C ASP A 15 22.60 -5.86 8.15
N GLU A 16 22.44 -6.47 6.94
CA GLU A 16 23.16 -6.00 5.74
C GLU A 16 22.82 -4.52 5.42
N TRP A 17 21.66 -4.05 5.91
CA TRP A 17 21.13 -2.68 5.77
C TRP A 17 21.39 -1.81 7.01
N GLU A 18 22.21 -2.28 7.96
CA GLU A 18 22.52 -1.51 9.17
C GLU A 18 23.20 -0.16 8.87
N VAL A 19 22.78 0.86 9.63
CA VAL A 19 23.48 2.15 9.68
C VAL A 19 23.68 2.45 11.15
N PRO A 20 24.78 3.13 11.57
CA PRO A 20 24.91 3.49 13.00
C PRO A 20 23.81 4.50 13.33
N ARG A 21 23.22 4.40 14.53
CA ARG A 21 22.14 5.31 14.95
C ARG A 21 22.56 6.77 14.95
N GLU A 22 23.86 7.03 15.15
CA GLU A 22 24.45 8.39 15.12
C GLU A 22 24.41 9.06 13.71
N THR A 23 23.98 8.33 12.66
CA THR A 23 23.86 8.92 11.32
C THR A 23 22.48 9.56 11.18
N LEU A 24 21.61 9.38 12.18
CA LEU A 24 20.23 9.85 12.16
C LEU A 24 19.88 10.84 13.25
N LYS A 25 19.08 11.83 12.89
CA LYS A 25 18.55 12.83 13.82
C LYS A 25 17.05 12.91 13.62
N LEU A 26 16.28 12.42 14.60
CA LEU A 26 14.83 12.44 14.57
C LEU A 26 14.34 13.84 14.95
N VAL A 27 13.50 14.45 14.11
CA VAL A 27 13.07 15.85 14.24
C VAL A 27 11.59 16.02 14.58
N GLU A 28 10.71 15.38 13.81
CA GLU A 28 9.27 15.57 14.03
C GLU A 28 8.50 14.26 14.02
N ARG A 29 7.67 14.06 15.05
CA ARG A 29 6.78 12.91 15.19
C ARG A 29 5.63 13.11 14.17
N LEU A 30 5.46 12.17 13.26
CA LEU A 30 4.44 12.23 12.20
C LEU A 30 3.19 11.44 12.56
N GLY A 31 3.38 10.41 13.37
CA GLY A 31 2.28 9.54 13.79
C GLY A 31 2.69 8.50 14.79
N ALA A 32 1.68 7.82 15.36
CA ALA A 32 1.83 6.76 16.34
C ALA A 32 0.77 5.69 16.05
N GLY A 33 1.16 4.43 16.22
CA GLY A 33 0.33 3.25 16.03
C GLY A 33 0.55 2.22 17.11
N GLN A 34 0.10 0.97 16.85
CA GLN A 34 0.25 -0.13 17.79
C GLN A 34 1.68 -0.67 17.78
N PHE A 35 2.29 -0.76 16.57
CA PHE A 35 3.63 -1.28 16.35
C PHE A 35 4.77 -0.24 16.60
N GLY A 36 4.43 1.05 16.70
CA GLY A 36 5.41 2.11 16.98
C GLY A 36 5.08 3.48 16.44
N GLU A 37 6.06 4.41 16.47
CA GLU A 37 5.90 5.79 15.97
C GLU A 37 6.73 6.10 14.71
N VAL A 38 6.20 6.97 13.85
CA VAL A 38 6.85 7.38 12.59
C VAL A 38 7.33 8.81 12.76
N TRP A 39 8.59 9.05 12.42
CA TRP A 39 9.26 10.33 12.53
C TRP A 39 9.84 10.81 11.20
N MET A 40 9.89 12.13 11.03
CA MET A 40 10.63 12.77 9.95
C MET A 40 12.01 13.01 10.63
N GLY A 41 13.07 12.61 9.95
CA GLY A 41 14.41 12.83 10.46
C GLY A 41 15.40 13.19 9.36
N TYR A 42 16.68 13.32 9.74
CA TYR A 42 17.77 13.60 8.80
C TYR A 42 18.86 12.58 8.94
N TYR A 43 19.36 12.10 7.79
CA TYR A 43 20.46 11.16 7.70
C TYR A 43 21.67 11.99 7.25
N ASN A 44 22.77 11.91 8.02
CA ASN A 44 24.03 12.65 7.80
C ASN A 44 23.79 14.17 7.56
N GLY A 45 22.82 14.73 8.27
CA GLY A 45 22.47 16.15 8.25
C GLY A 45 21.69 16.69 7.06
N HIS A 46 21.97 16.20 5.84
CA HIS A 46 21.40 16.79 4.63
C HIS A 46 20.28 16.03 3.94
N THR A 47 20.01 14.76 4.32
CA THR A 47 19.01 13.95 3.63
C THR A 47 17.83 13.68 4.52
N LYS A 48 16.66 14.14 4.07
CA LYS A 48 15.39 13.93 4.75
C LYS A 48 14.98 12.45 4.61
N VAL A 49 14.58 11.85 5.73
CA VAL A 49 14.20 10.43 5.81
C VAL A 49 12.95 10.28 6.69
N ALA A 50 12.26 9.15 6.55
CA ALA A 50 11.16 8.75 7.43
C ALA A 50 11.73 7.60 8.27
N VAL A 51 11.50 7.62 9.58
CA VAL A 51 11.99 6.60 10.51
C VAL A 51 10.82 5.97 11.27
N LYS A 52 10.68 4.63 11.25
CA LYS A 52 9.67 3.93 12.02
C LYS A 52 10.41 3.29 13.20
N SER A 53 10.10 3.73 14.44
CA SER A 53 10.69 3.17 15.65
C SER A 53 9.70 2.12 16.20
N LEU A 54 10.12 0.84 16.25
CA LEU A 54 9.31 -0.26 16.75
C LEU A 54 9.07 -0.13 18.26
N LYS A 55 7.81 -0.25 18.70
CA LYS A 55 7.42 -0.24 20.10
C LYS A 55 7.93 -1.53 20.73
N GLN A 56 8.78 -1.41 21.76
CA GLN A 56 9.37 -2.55 22.46
C GLN A 56 8.28 -3.40 23.14
N GLY A 57 8.01 -4.57 22.55
CA GLY A 57 7.02 -5.51 23.06
C GLY A 57 5.83 -5.80 22.17
N SER A 58 5.50 -4.87 21.25
CA SER A 58 4.37 -4.98 20.31
C SER A 58 4.47 -6.21 19.40
N MET A 59 5.70 -6.54 18.96
CA MET A 59 6.05 -7.68 18.10
C MET A 59 7.55 -7.98 18.17
N SER A 60 7.95 -9.19 17.71
CA SER A 60 9.34 -9.66 17.70
C SER A 60 10.26 -8.90 16.72
N PRO A 61 11.58 -8.76 17.06
CA PRO A 61 12.52 -8.09 16.14
C PRO A 61 12.65 -8.78 14.78
N ASP A 62 12.70 -10.14 14.79
CA ASP A 62 12.84 -10.98 13.59
C ASP A 62 11.72 -10.78 12.56
N ALA A 63 10.47 -10.54 13.03
CA ALA A 63 9.31 -10.31 12.15
C ALA A 63 9.33 -8.91 11.53
N PHE A 64 9.73 -7.89 12.30
CA PHE A 64 9.85 -6.49 11.89
C PHE A 64 11.03 -6.28 10.93
N LEU A 65 12.08 -7.14 11.03
CA LEU A 65 13.30 -7.05 10.22
C LEU A 65 13.60 -8.26 9.29
N ALA A 66 12.59 -9.12 9.01
CA ALA A 66 12.77 -10.29 8.15
C ALA A 66 13.35 -9.96 6.77
N GLU A 67 14.16 -10.87 6.19
CA GLU A 67 14.76 -10.70 4.86
C GLU A 67 13.86 -11.32 3.76
N ALA A 68 12.68 -11.85 4.17
CA ALA A 68 11.63 -12.51 3.35
C ALA A 68 11.38 -11.89 1.94
N ASN A 69 10.94 -10.60 1.73
CA ASN A 69 10.45 -9.41 2.47
C ASN A 69 10.56 -8.26 1.47
N LEU A 70 9.41 -7.78 0.99
CA LEU A 70 9.26 -6.80 -0.09
C LEU A 70 10.34 -5.70 -0.15
N MET A 71 10.44 -4.81 0.86
CA MET A 71 11.38 -3.69 0.86
C MET A 71 12.85 -4.09 0.73
N LYS A 72 13.24 -5.23 1.30
CA LYS A 72 14.62 -5.69 1.17
C LYS A 72 14.89 -6.33 -0.19
N GLN A 73 13.83 -6.80 -0.88
CA GLN A 73 13.92 -7.51 -2.16
C GLN A 73 13.56 -6.71 -3.39
N LEU A 74 12.54 -5.84 -3.32
CA LEU A 74 12.07 -5.08 -4.49
C LEU A 74 12.32 -3.60 -4.41
N GLN A 75 12.94 -3.05 -5.46
CA GLN A 75 13.18 -1.62 -5.57
C GLN A 75 12.59 -1.19 -6.88
N HIS A 76 11.86 -0.07 -6.85
CA HIS A 76 11.19 0.45 -8.02
C HIS A 76 10.84 1.87 -7.68
N GLN A 77 10.73 2.76 -8.68
CA GLN A 77 10.34 4.16 -8.44
C GLN A 77 8.92 4.27 -7.84
N ARG A 78 8.06 3.26 -8.10
CA ARG A 78 6.65 3.25 -7.66
C ARG A 78 6.47 2.58 -6.26
N LEU A 79 7.57 2.17 -5.64
CA LEU A 79 7.59 1.52 -4.33
C LEU A 79 8.40 2.35 -3.36
N VAL A 80 7.86 2.59 -2.14
CA VAL A 80 8.61 3.31 -1.09
C VAL A 80 9.95 2.54 -0.86
N ARG A 81 11.07 3.25 -1.05
CA ARG A 81 12.41 2.68 -0.98
C ARG A 81 12.95 2.54 0.46
N LEU A 82 13.39 1.31 0.81
CA LEU A 82 14.07 1.08 2.08
C LEU A 82 15.46 1.66 1.98
N TYR A 83 15.84 2.41 3.01
CA TYR A 83 17.16 3.01 3.07
C TYR A 83 18.07 2.20 3.96
N ALA A 84 17.61 1.93 5.19
CA ALA A 84 18.41 1.29 6.22
C ALA A 84 17.55 0.80 7.40
N VAL A 85 18.21 0.12 8.34
CA VAL A 85 17.61 -0.34 9.59
C VAL A 85 18.61 -0.10 10.72
N VAL A 86 18.10 -0.02 11.95
CA VAL A 86 18.92 0.04 13.16
C VAL A 86 18.37 -1.14 13.97
N THR A 87 19.18 -2.21 14.19
CA THR A 87 18.73 -3.45 14.83
C THR A 87 18.97 -3.52 16.36
N GLN A 88 19.53 -2.47 16.97
CA GLN A 88 19.64 -2.39 18.43
C GLN A 88 18.37 -1.67 18.90
N GLU A 89 17.77 -2.08 20.03
CA GLU A 89 16.53 -1.46 20.55
C GLU A 89 16.71 0.00 20.97
N PRO A 90 15.85 0.95 20.55
CA PRO A 90 14.64 0.79 19.71
C PRO A 90 14.96 0.56 18.24
N ILE A 91 14.33 -0.44 17.65
CA ILE A 91 14.55 -0.82 16.26
C ILE A 91 13.99 0.22 15.30
N TYR A 92 14.84 0.68 14.37
CA TYR A 92 14.46 1.64 13.37
C TYR A 92 14.41 1.00 12.01
N ILE A 93 13.43 1.43 11.21
CA ILE A 93 13.29 1.12 9.79
C ILE A 93 13.28 2.51 9.15
N ILE A 94 14.29 2.76 8.29
CA ILE A 94 14.48 4.06 7.64
C ILE A 94 14.12 3.97 6.15
N THR A 95 13.27 4.90 5.69
CA THR A 95 12.87 4.91 4.28
C THR A 95 12.94 6.31 3.70
N GLU A 96 12.79 6.42 2.35
CA GLU A 96 12.68 7.68 1.64
C GLU A 96 11.48 8.45 2.19
N TYR A 97 11.59 9.76 2.29
CA TYR A 97 10.54 10.61 2.82
C TYR A 97 9.55 10.98 1.72
N MET A 98 8.26 10.91 2.05
CA MET A 98 7.14 11.20 1.12
C MET A 98 6.42 12.38 1.72
N GLU A 99 6.78 13.59 1.27
CA GLU A 99 6.33 14.87 1.82
C GLU A 99 4.82 14.96 2.12
N ASN A 100 4.00 14.48 1.21
CA ASN A 100 2.54 14.57 1.36
C ASN A 100 1.88 13.41 2.12
N GLY A 101 2.67 12.51 2.71
CA GLY A 101 2.18 11.42 3.55
C GLY A 101 1.27 10.43 2.86
N SER A 102 0.30 9.88 3.59
CA SER A 102 -0.61 8.88 3.01
C SER A 102 -1.64 9.49 2.06
N LEU A 103 -1.97 8.77 0.97
CA LEU A 103 -2.93 9.23 -0.03
C LEU A 103 -4.30 9.55 0.63
N VAL A 104 -4.76 8.71 1.56
CA VAL A 104 -6.05 8.88 2.24
C VAL A 104 -6.09 10.23 3.02
N ASP A 105 -4.95 10.63 3.62
CA ASP A 105 -4.85 11.94 4.30
C ASP A 105 -4.67 13.05 3.25
N PHE A 106 -3.83 12.83 2.22
CA PHE A 106 -3.58 13.84 1.21
C PHE A 106 -4.85 14.29 0.52
N LEU A 107 -5.73 13.35 0.18
CA LEU A 107 -7.00 13.63 -0.52
C LEU A 107 -7.96 14.49 0.26
N LYS A 108 -7.80 14.54 1.60
CA LYS A 108 -8.64 15.36 2.48
C LYS A 108 -8.06 16.77 2.72
N THR A 109 -6.85 17.06 2.24
CA THR A 109 -6.22 18.39 2.42
C THR A 109 -6.84 19.37 1.40
N PRO A 110 -6.66 20.72 1.56
CA PRO A 110 -7.20 21.65 0.56
C PRO A 110 -6.72 21.38 -0.86
N SER A 111 -5.44 21.00 -1.06
CA SER A 111 -4.96 20.67 -2.41
C SER A 111 -5.52 19.32 -2.93
N GLY A 112 -5.67 18.34 -2.03
CA GLY A 112 -6.23 17.04 -2.39
C GLY A 112 -7.70 17.11 -2.83
N ILE A 113 -8.49 17.98 -2.19
CA ILE A 113 -9.93 18.17 -2.46
C ILE A 113 -10.14 18.76 -3.87
N LYS A 114 -9.20 19.63 -4.30
CA LYS A 114 -9.20 20.32 -5.58
C LYS A 114 -8.74 19.46 -6.74
N LEU A 115 -8.22 18.25 -6.50
CA LEU A 115 -7.70 17.40 -7.58
C LEU A 115 -8.74 17.14 -8.64
N THR A 116 -8.37 17.35 -9.89
CA THR A 116 -9.24 17.11 -11.05
C THR A 116 -9.35 15.59 -11.22
N ILE A 117 -10.33 15.15 -11.97
CA ILE A 117 -10.50 13.73 -12.25
C ILE A 117 -9.27 13.20 -13.00
N ASN A 118 -8.69 14.00 -13.92
CA ASN A 118 -7.47 13.59 -14.66
C ASN A 118 -6.32 13.29 -13.73
N LYS A 119 -6.11 14.14 -12.71
CA LYS A 119 -5.05 13.89 -11.75
C LYS A 119 -5.35 12.63 -10.89
N LEU A 120 -6.61 12.42 -10.47
CA LEU A 120 -7.00 11.26 -9.67
C LEU A 120 -6.75 9.93 -10.45
N LEU A 121 -7.04 9.94 -11.76
CA LEU A 121 -6.84 8.80 -12.66
C LEU A 121 -5.37 8.55 -12.87
N ASP A 122 -4.57 9.63 -12.97
CA ASP A 122 -3.13 9.56 -13.13
C ASP A 122 -2.57 8.84 -11.90
N MET A 123 -2.95 9.30 -10.69
CA MET A 123 -2.49 8.71 -9.44
C MET A 123 -2.88 7.23 -9.35
N ALA A 124 -4.12 6.88 -9.80
CA ALA A 124 -4.61 5.50 -9.83
C ALA A 124 -3.77 4.65 -10.77
N ALA A 125 -3.42 5.20 -11.95
CA ALA A 125 -2.54 4.54 -12.93
C ALA A 125 -1.14 4.32 -12.34
N GLN A 126 -0.67 5.27 -11.51
CA GLN A 126 0.66 5.19 -10.85
C GLN A 126 0.70 4.04 -9.82
N ILE A 127 -0.38 3.84 -9.05
CA ILE A 127 -0.48 2.73 -8.12
C ILE A 127 -0.54 1.38 -8.88
N ALA A 128 -1.33 1.30 -9.97
CA ALA A 128 -1.47 0.08 -10.80
C ALA A 128 -0.11 -0.28 -11.42
N GLU A 129 0.69 0.73 -11.78
CA GLU A 129 2.06 0.57 -12.32
C GLU A 129 2.97 -0.09 -11.29
N GLY A 130 2.92 0.38 -10.05
CA GLY A 130 3.68 -0.23 -8.95
C GLY A 130 3.18 -1.63 -8.68
N MET A 131 1.86 -1.83 -8.70
CA MET A 131 1.27 -3.15 -8.46
C MET A 131 1.59 -4.13 -9.58
N ALA A 132 1.74 -3.64 -10.83
CA ALA A 132 2.12 -4.48 -11.99
C ALA A 132 3.55 -4.98 -11.80
N PHE A 133 4.41 -4.17 -11.14
CA PHE A 133 5.79 -4.58 -10.81
C PHE A 133 5.77 -5.66 -9.73
N ILE A 134 5.04 -5.42 -8.62
CA ILE A 134 4.84 -6.39 -7.54
C ILE A 134 4.30 -7.74 -8.09
N GLU A 135 3.30 -7.68 -8.98
CA GLU A 135 2.72 -8.87 -9.61
C GLU A 135 3.81 -9.63 -10.42
N GLU A 136 4.53 -8.92 -11.28
CA GLU A 136 5.56 -9.52 -12.13
C GLU A 136 6.70 -10.16 -11.29
N ARG A 137 6.96 -9.62 -10.09
CA ARG A 137 7.98 -10.16 -9.20
C ARG A 137 7.51 -11.34 -8.38
N ASN A 138 6.27 -11.82 -8.59
CA ASN A 138 5.69 -12.95 -7.84
C ASN A 138 5.40 -12.58 -6.38
N TYR A 139 5.07 -11.30 -6.12
CA TYR A 139 4.68 -10.85 -4.79
C TYR A 139 3.17 -10.51 -4.76
N ILE A 140 2.60 -10.51 -3.55
CA ILE A 140 1.23 -10.05 -3.28
C ILE A 140 1.43 -8.98 -2.20
N HIS A 141 0.57 -7.97 -2.16
CA HIS A 141 0.68 -6.88 -1.19
C HIS A 141 -0.15 -7.18 0.06
N ARG A 142 -1.41 -7.65 -0.12
CA ARG A 142 -2.36 -8.08 0.93
C ARG A 142 -2.99 -6.97 1.78
N ASP A 143 -2.62 -5.71 1.56
CA ASP A 143 -3.21 -4.59 2.32
C ASP A 143 -3.24 -3.35 1.43
N LEU A 144 -3.68 -3.55 0.20
CA LEU A 144 -3.72 -2.49 -0.79
C LEU A 144 -4.92 -1.57 -0.56
N ARG A 145 -4.71 -0.46 0.10
CA ARG A 145 -5.73 0.55 0.38
C ARG A 145 -5.04 1.90 0.37
N ALA A 146 -5.80 3.01 0.25
CA ALA A 146 -5.24 4.36 0.13
C ALA A 146 -4.36 4.76 1.31
N ALA A 147 -4.63 4.20 2.51
CA ALA A 147 -3.80 4.45 3.70
C ALA A 147 -2.35 3.97 3.46
N ASN A 148 -2.15 2.96 2.58
CA ASN A 148 -0.79 2.42 2.35
C ASN A 148 -0.13 2.90 1.06
N ILE A 149 -0.66 3.98 0.49
CA ILE A 149 -0.09 4.64 -0.68
C ILE A 149 0.49 5.94 -0.14
N LEU A 150 1.76 6.26 -0.46
CA LEU A 150 2.38 7.49 -0.01
C LEU A 150 2.52 8.42 -1.19
N VAL A 151 2.44 9.72 -0.91
CA VAL A 151 2.43 10.79 -1.90
C VAL A 151 3.65 11.69 -1.71
N SER A 152 4.40 11.92 -2.81
CA SER A 152 5.59 12.78 -2.81
C SER A 152 5.19 14.25 -2.95
N ASP A 153 6.19 15.15 -2.81
CA ASP A 153 6.09 16.61 -3.01
C ASP A 153 5.75 16.95 -4.46
N THR A 154 5.99 16.02 -5.43
CA THR A 154 5.66 16.24 -6.86
C THR A 154 4.29 15.61 -7.21
N LEU A 155 3.58 15.11 -6.21
CA LEU A 155 2.27 14.46 -6.37
C LEU A 155 2.38 13.16 -7.19
N SER A 156 3.44 12.39 -6.94
CA SER A 156 3.60 11.05 -7.48
C SER A 156 3.31 10.10 -6.30
N CYS A 157 2.82 8.87 -6.60
CA CYS A 157 2.40 7.87 -5.63
C CYS A 157 3.36 6.70 -5.56
N LYS A 158 3.53 6.17 -4.36
CA LYS A 158 4.39 5.00 -4.15
C LYS A 158 3.70 4.06 -3.17
N ILE A 159 3.93 2.75 -3.37
CA ILE A 159 3.32 1.75 -2.51
C ILE A 159 4.26 1.48 -1.34
N ALA A 160 3.71 1.47 -0.12
CA ALA A 160 4.42 1.16 1.10
C ALA A 160 3.95 -0.23 1.60
N ASP A 161 4.87 -0.97 2.23
CA ASP A 161 4.64 -2.27 2.86
C ASP A 161 4.95 -2.13 4.35
N PHE A 162 4.09 -2.72 5.20
CA PHE A 162 4.23 -2.70 6.65
C PHE A 162 4.21 -4.13 7.18
N GLY A 163 4.78 -5.06 6.41
CA GLY A 163 4.92 -6.46 6.79
C GLY A 163 3.90 -7.46 6.31
N LEU A 164 2.84 -7.07 5.58
CA LEU A 164 1.88 -8.04 5.11
C LEU A 164 2.23 -8.65 3.75
N ALA A 165 3.03 -7.93 2.91
CA ALA A 165 3.39 -8.41 1.56
C ALA A 165 4.14 -9.73 1.63
N ARG A 166 3.86 -10.62 0.68
CA ARG A 166 4.43 -11.96 0.68
C ARG A 166 4.88 -12.37 -0.71
N LEU A 167 5.98 -13.15 -0.74
CA LEU A 167 6.47 -13.75 -1.96
C LEU A 167 5.63 -14.99 -2.14
N ILE A 168 5.00 -15.11 -3.30
CA ILE A 168 4.20 -16.30 -3.57
C ILE A 168 5.00 -17.25 -4.46
N GLU A 169 5.10 -18.51 -4.04
CA GLU A 169 5.86 -19.53 -4.78
C GLU A 169 4.92 -20.26 -5.77
N ASP A 170 3.74 -20.74 -5.26
CA ASP A 170 2.73 -21.52 -6.00
C ASP A 170 1.46 -20.71 -6.40
N ASN A 171 1.59 -19.36 -6.48
CA ASN A 171 0.58 -18.36 -6.85
C ASN A 171 -0.33 -17.91 -5.69
N GLU A 172 -0.29 -18.61 -4.52
CA GLU A 172 -1.14 -18.24 -3.38
C GLU A 172 -0.55 -18.48 -1.98
N THR A 174 -1.94 -18.66 2.17
CA THR A 174 -3.08 -18.96 3.03
C THR A 174 -2.81 -18.34 4.42
N ALA A 175 -3.74 -17.49 4.89
CA ALA A 175 -3.65 -16.83 6.20
C ALA A 175 -4.00 -17.78 7.33
N ARG A 176 -3.50 -17.49 8.55
CA ARG A 176 -3.72 -18.26 9.79
C ARG A 176 -5.18 -18.23 10.23
N GLU A 177 -5.57 -19.21 11.08
CA GLU A 177 -6.94 -19.37 11.60
C GLU A 177 -7.52 -18.10 12.24
N GLY A 178 -6.75 -17.46 13.12
CA GLY A 178 -7.18 -16.25 13.82
C GLY A 178 -6.86 -14.92 13.17
N ALA A 179 -6.56 -14.91 11.84
CA ALA A 179 -6.23 -13.67 11.12
C ALA A 179 -7.45 -12.79 10.85
N LYS A 180 -7.32 -11.48 11.15
CA LYS A 180 -8.34 -10.46 10.95
C LYS A 180 -7.81 -9.47 9.94
N PHE A 181 -8.59 -9.22 8.88
CA PHE A 181 -8.25 -8.32 7.75
C PHE A 181 -9.31 -7.22 7.59
N PRO A 182 -9.01 -6.05 6.95
CA PRO A 182 -10.08 -5.04 6.77
C PRO A 182 -11.09 -5.52 5.72
N ILE A 183 -12.25 -5.94 6.20
CA ILE A 183 -13.34 -6.56 5.45
C ILE A 183 -13.72 -5.82 4.16
N LYS A 184 -13.92 -4.49 4.24
CA LYS A 184 -14.36 -3.70 3.06
C LYS A 184 -13.39 -3.72 1.87
N TRP A 185 -12.11 -4.09 2.07
CA TRP A 185 -11.11 -4.13 1.00
C TRP A 185 -10.76 -5.53 0.58
N THR A 186 -11.17 -6.52 1.36
CA THR A 186 -10.78 -7.91 1.21
C THR A 186 -11.73 -8.70 0.32
N ALA A 187 -11.16 -9.38 -0.69
CA ALA A 187 -11.90 -10.21 -1.65
C ALA A 187 -12.68 -11.33 -0.92
N PRO A 188 -13.87 -11.76 -1.41
CA PRO A 188 -14.63 -12.82 -0.72
C PRO A 188 -13.88 -14.11 -0.40
N GLU A 189 -13.08 -14.62 -1.36
CA GLU A 189 -12.33 -15.88 -1.19
C GLU A 189 -11.25 -15.77 -0.09
N ALA A 190 -10.75 -14.55 0.15
CA ALA A 190 -9.77 -14.28 1.21
C ALA A 190 -10.49 -14.18 2.58
N ILE A 191 -11.70 -13.56 2.62
CA ILE A 191 -12.52 -13.52 3.84
C ILE A 191 -12.91 -14.97 4.22
N ASN A 192 -13.48 -15.73 3.28
CA ASN A 192 -13.99 -17.09 3.50
C ASN A 192 -12.95 -18.17 3.74
N TYR A 193 -11.87 -18.21 2.93
CA TYR A 193 -10.89 -19.30 3.00
C TYR A 193 -9.49 -18.88 3.37
N GLY A 194 -9.28 -17.61 3.61
CA GLY A 194 -7.96 -17.06 3.92
C GLY A 194 -6.99 -17.15 2.76
N THR A 195 -7.51 -17.34 1.52
CA THR A 195 -6.64 -17.48 0.36
C THR A 195 -6.43 -16.16 -0.35
N PHE A 196 -5.17 -15.68 -0.32
CA PHE A 196 -4.71 -14.42 -0.90
C PHE A 196 -3.85 -14.70 -2.12
N THR A 197 -4.13 -13.99 -3.24
CA THR A 197 -3.40 -14.08 -4.52
C THR A 197 -3.29 -12.65 -5.04
N ILE A 198 -2.68 -12.46 -6.22
CA ILE A 198 -2.60 -11.15 -6.85
C ILE A 198 -4.04 -10.68 -7.22
N LYS A 199 -4.93 -11.64 -7.44
CA LYS A 199 -6.34 -11.39 -7.79
C LYS A 199 -7.13 -10.83 -6.60
N SER A 200 -6.70 -11.13 -5.34
CA SER A 200 -7.35 -10.49 -4.19
C SER A 200 -6.76 -9.09 -4.02
N ASP A 201 -5.52 -8.85 -4.50
CA ASP A 201 -5.02 -7.48 -4.52
C ASP A 201 -5.82 -6.67 -5.57
N VAL A 202 -6.16 -7.29 -6.72
CA VAL A 202 -6.96 -6.60 -7.77
C VAL A 202 -8.32 -6.17 -7.21
N TRP A 203 -8.97 -7.07 -6.43
CA TRP A 203 -10.25 -6.74 -5.77
C TRP A 203 -10.04 -5.51 -4.90
N SER A 204 -8.98 -5.53 -4.05
CA SER A 204 -8.61 -4.42 -3.17
C SER A 204 -8.38 -3.13 -3.97
N PHE A 205 -7.72 -3.22 -5.15
CA PHE A 205 -7.50 -2.06 -6.01
C PHE A 205 -8.82 -1.39 -6.46
N GLY A 206 -9.84 -2.20 -6.78
CA GLY A 206 -11.15 -1.66 -7.14
C GLY A 206 -11.73 -0.85 -6.00
N ILE A 207 -11.52 -1.33 -4.75
CA ILE A 207 -12.00 -0.62 -3.55
C ILE A 207 -11.20 0.68 -3.38
N LEU A 208 -9.87 0.60 -3.53
CA LEU A 208 -8.96 1.75 -3.47
C LEU A 208 -9.37 2.82 -4.49
N LEU A 209 -9.80 2.40 -5.71
CA LEU A 209 -10.29 3.33 -6.74
C LEU A 209 -11.48 4.16 -6.22
N THR A 210 -12.33 3.55 -5.37
CA THR A 210 -13.49 4.27 -4.79
C THR A 210 -12.99 5.32 -3.79
N GLU A 211 -11.89 5.01 -3.03
CA GLU A 211 -11.28 5.96 -2.07
C GLU A 211 -10.67 7.13 -2.85
N ILE A 212 -10.08 6.86 -4.02
CA ILE A 212 -9.49 7.90 -4.86
C ILE A 212 -10.54 8.84 -5.41
N VAL A 213 -11.64 8.31 -5.99
CA VAL A 213 -12.64 9.13 -6.68
C VAL A 213 -13.49 9.96 -5.68
N THR A 214 -13.62 9.48 -4.43
CA THR A 214 -14.39 10.17 -3.40
C THR A 214 -13.53 11.05 -2.49
N HIS A 215 -12.20 11.15 -2.77
CA HIS A 215 -11.28 11.98 -1.96
C HIS A 215 -11.15 11.46 -0.52
N GLY A 216 -10.97 10.15 -0.39
CA GLY A 216 -10.72 9.49 0.87
C GLY A 216 -11.89 9.01 1.69
N ARG A 217 -13.07 8.84 1.09
CA ARG A 217 -14.22 8.34 1.85
C ARG A 217 -14.12 6.85 2.09
N ILE A 218 -14.74 6.37 3.20
CA ILE A 218 -14.78 4.96 3.56
C ILE A 218 -15.64 4.22 2.51
N PRO A 219 -15.18 3.04 2.01
CA PRO A 219 -15.99 2.30 1.02
C PRO A 219 -17.31 1.83 1.61
N TYR A 220 -18.30 1.54 0.73
CA TYR A 220 -19.68 1.11 1.06
C TYR A 220 -20.34 2.08 2.06
N PRO A 221 -20.61 3.35 1.69
CA PRO A 221 -21.19 4.31 2.67
C PRO A 221 -22.46 3.87 3.36
N GLY A 222 -22.49 4.05 4.66
CA GLY A 222 -23.65 3.72 5.51
C GLY A 222 -23.84 2.24 5.78
N MET A 223 -22.84 1.39 5.42
CA MET A 223 -22.94 -0.04 5.60
C MET A 223 -21.96 -0.59 6.64
N THR A 224 -22.43 -1.54 7.45
CA THR A 224 -21.55 -2.23 8.41
C THR A 224 -20.86 -3.38 7.64
N ASN A 225 -19.79 -3.99 8.24
CA ASN A 225 -19.08 -5.12 7.64
C ASN A 225 -20.03 -6.32 7.38
N PRO A 226 -20.93 -6.72 8.33
CA PRO A 226 -21.87 -7.82 8.02
C PRO A 226 -22.80 -7.53 6.84
N GLU A 227 -23.26 -6.26 6.68
CA GLU A 227 -24.15 -5.85 5.58
C GLU A 227 -23.39 -5.89 4.26
N VAL A 228 -22.06 -5.59 4.28
CA VAL A 228 -21.20 -5.67 3.09
C VAL A 228 -21.09 -7.13 2.61
N ILE A 229 -20.76 -8.07 3.52
CA ILE A 229 -20.63 -9.51 3.24
C ILE A 229 -21.92 -10.09 2.68
N GLN A 230 -23.08 -9.71 3.26
CA GLN A 230 -24.41 -10.18 2.87
C GLN A 230 -24.74 -9.69 1.45
N ASN A 231 -24.45 -8.41 1.17
CA ASN A 231 -24.65 -7.78 -0.14
C ASN A 231 -23.83 -8.48 -1.19
N LEU A 232 -22.53 -8.67 -0.93
CA LEU A 232 -21.65 -9.36 -1.86
C LEU A 232 -22.15 -10.76 -2.18
N GLU A 233 -22.64 -11.51 -1.17
CA GLU A 233 -23.15 -12.87 -1.31
C GLU A 233 -24.32 -12.97 -2.30
N ARG A 234 -25.18 -11.93 -2.37
CA ARG A 234 -26.35 -11.83 -3.26
C ARG A 234 -25.95 -11.42 -4.70
N GLY A 235 -24.71 -10.97 -4.86
CA GLY A 235 -24.21 -10.49 -6.15
C GLY A 235 -24.20 -8.98 -6.28
N TYR A 236 -24.52 -8.26 -5.20
CA TYR A 236 -24.48 -6.81 -5.26
C TYR A 236 -23.02 -6.39 -5.15
N ARG A 237 -22.70 -5.21 -5.71
CA ARG A 237 -21.38 -4.61 -5.54
C ARG A 237 -21.65 -3.24 -4.94
N MET A 238 -20.59 -2.51 -4.63
CA MET A 238 -20.72 -1.18 -4.08
C MET A 238 -21.55 -0.31 -5.01
N VAL A 239 -22.44 0.49 -4.42
CA VAL A 239 -23.27 1.48 -5.09
C VAL A 239 -22.32 2.46 -5.79
N ARG A 240 -22.68 2.89 -7.02
CA ARG A 240 -21.94 3.90 -7.76
C ARG A 240 -21.64 5.08 -6.86
N PRO A 241 -20.35 5.35 -6.55
CA PRO A 241 -20.02 6.53 -5.70
C PRO A 241 -20.48 7.82 -6.37
N ASP A 242 -20.64 8.90 -5.59
CA ASP A 242 -20.96 10.19 -6.21
C ASP A 242 -19.73 10.68 -6.95
N ASN A 243 -19.93 11.41 -8.06
CA ASN A 243 -18.88 11.98 -8.91
C ASN A 243 -17.96 10.92 -9.50
N CYS A 244 -18.49 9.69 -9.65
CA CYS A 244 -17.69 8.63 -10.25
C CYS A 244 -18.05 8.45 -11.73
N PRO A 245 -17.09 8.71 -12.66
CA PRO A 245 -17.37 8.46 -14.09
C PRO A 245 -17.75 7.00 -14.31
N GLU A 246 -18.79 6.75 -15.13
CA GLU A 246 -19.30 5.40 -15.38
C GLU A 246 -18.22 4.44 -15.91
N GLU A 247 -17.33 4.95 -16.77
CA GLU A 247 -16.22 4.15 -17.30
C GLU A 247 -15.31 3.67 -16.16
N LEU A 248 -15.07 4.54 -15.14
CA LEU A 248 -14.25 4.13 -13.99
C LEU A 248 -15.02 3.09 -13.17
N TYR A 249 -16.31 3.32 -12.95
CA TYR A 249 -17.13 2.37 -12.22
C TYR A 249 -17.11 0.95 -12.86
N GLN A 250 -17.14 0.89 -14.20
CA GLN A 250 -17.10 -0.38 -14.92
C GLN A 250 -15.73 -1.03 -14.79
N LEU A 251 -14.64 -0.22 -14.63
CA LEU A 251 -13.30 -0.76 -14.39
C LEU A 251 -13.24 -1.34 -12.97
N MET A 252 -13.83 -0.65 -11.97
CA MET A 252 -13.99 -1.14 -10.58
C MET A 252 -14.74 -2.49 -10.59
N ARG A 253 -15.81 -2.59 -11.37
CA ARG A 253 -16.58 -3.86 -11.45
C ARG A 253 -15.77 -5.02 -12.01
N LEU A 254 -14.79 -4.78 -12.92
CA LEU A 254 -13.94 -5.89 -13.42
C LEU A 254 -13.11 -6.44 -12.27
N CYS A 255 -12.65 -5.54 -11.39
CA CYS A 255 -11.85 -5.86 -10.21
C CYS A 255 -12.65 -6.70 -9.23
N TRP A 256 -14.00 -6.54 -9.26
CA TRP A 256 -14.91 -7.22 -8.33
C TRP A 256 -15.63 -8.44 -8.90
N LYS A 257 -15.07 -9.05 -9.96
CA LYS A 257 -15.64 -10.28 -10.53
C LYS A 257 -15.58 -11.39 -9.49
N GLU A 258 -16.64 -12.20 -9.40
CA GLU A 258 -16.74 -13.28 -8.42
C GLU A 258 -15.57 -14.26 -8.52
N ARG A 259 -15.26 -14.76 -9.73
CA ARG A 259 -14.15 -15.69 -9.93
C ARG A 259 -12.85 -14.90 -10.00
N PRO A 260 -11.89 -15.19 -9.07
CA PRO A 260 -10.61 -14.45 -9.08
C PRO A 260 -9.89 -14.44 -10.44
N GLU A 261 -9.89 -15.57 -11.17
CA GLU A 261 -9.24 -15.69 -12.48
C GLU A 261 -9.87 -14.78 -13.55
N ASP A 262 -11.11 -14.30 -13.31
CA ASP A 262 -11.79 -13.40 -14.27
C ASP A 262 -11.40 -11.92 -14.08
N ARG A 263 -10.74 -11.57 -12.95
CA ARG A 263 -10.33 -10.20 -12.62
C ARG A 263 -9.12 -9.80 -13.48
N PRO A 264 -8.99 -8.54 -13.91
CA PRO A 264 -7.86 -8.18 -14.78
C PRO A 264 -6.50 -8.25 -14.08
N THR A 265 -5.43 -8.15 -14.86
CA THR A 265 -4.07 -8.03 -14.35
C THR A 265 -3.85 -6.56 -13.99
N PHE A 266 -2.79 -6.29 -13.23
CA PHE A 266 -2.43 -4.91 -12.93
C PHE A 266 -1.94 -4.17 -14.18
N ASP A 267 -1.30 -4.88 -15.12
CA ASP A 267 -0.83 -4.24 -16.36
C ASP A 267 -2.02 -3.72 -17.18
N TYR A 268 -3.07 -4.54 -17.28
CA TYR A 268 -4.29 -4.14 -17.98
C TYR A 268 -4.90 -2.89 -17.30
N LEU A 269 -5.04 -2.92 -15.97
CA LEU A 269 -5.60 -1.81 -15.19
C LEU A 269 -4.81 -0.51 -15.45
N ARG A 270 -3.46 -0.59 -15.42
CA ARG A 270 -2.54 0.52 -15.64
C ARG A 270 -2.78 1.11 -17.03
N SER A 271 -2.82 0.23 -18.05
CA SER A 271 -3.04 0.60 -19.44
C SER A 271 -4.36 1.38 -19.68
N VAL A 272 -5.47 0.92 -19.07
CA VAL A 272 -6.81 1.53 -19.19
C VAL A 272 -6.84 2.87 -18.49
N LEU A 273 -6.32 2.91 -17.26
CA LEU A 273 -6.28 4.15 -16.45
C LEU A 273 -5.45 5.25 -17.14
N GLU A 274 -4.34 4.87 -17.79
CA GLU A 274 -3.51 5.81 -18.57
C GLU A 274 -4.32 6.40 -19.74
N ASP A 275 -5.09 5.54 -20.45
CA ASP A 275 -5.98 5.92 -21.53
C ASP A 275 -7.08 6.83 -20.99
N PHE A 276 -7.63 6.53 -19.81
CA PHE A 276 -8.67 7.37 -19.19
C PHE A 276 -8.15 8.77 -18.90
N PHE A 277 -6.94 8.93 -18.33
CA PHE A 277 -6.52 10.29 -18.05
C PHE A 277 -5.91 10.97 -19.29
N THR A 278 -5.48 10.22 -20.32
CA THR A 278 -4.98 10.88 -21.53
C THR A 278 -6.13 11.18 -22.52
N ALA A 279 -7.37 10.74 -22.19
CA ALA A 279 -8.56 11.02 -23.01
C ALA A 279 -9.59 11.81 -22.20
#